data_8UVZ
#
_entry.id   8UVZ
#
_cell.length_a   88.450
_cell.length_b   88.450
_cell.length_c   37.265
_cell.angle_alpha   90.000
_cell.angle_beta   90.000
_cell.angle_gamma   120.000
#
_symmetry.space_group_name_H-M   'P 61'
#
loop_
_entity.id
_entity.type
_entity.pdbx_description
1 polymer 'Dihydrofolate reductase'
2 non-polymer 'FOLIC ACID'
3 non-polymer 'NADP NICOTINAMIDE-ADENINE-DINUCLEOTIDE PHOSPHATE'
4 non-polymer 'PENTAETHYLENE GLYCOL'
5 water water
#
_entity_poly.entity_id   1
_entity_poly.type   'polypeptide(L)'
_entity_poly.pdbx_seq_one_letter_code
;MISFIFAMDANRLIGKDNDLPWHLPNDLAYFKKITSGHSIIMGRKTFESIGRPLPNRKNIVVTSAPDSEFQGCTVVSSLK
DVLDICSGPEECFVIGGAQLYTDLFPYADRLYMTKIHHEFEGDRHFPEFDESNWKLVSSEQGTKDEKNPYDYEFLMYEKK
NSSKAGGF
;
_entity_poly.pdbx_strand_id   A
#
# COMPACT_ATOMS: atom_id res chain seq x y z
N MET A 1 -2.32 13.35 6.36
CA MET A 1 -1.83 13.12 4.98
C MET A 1 -1.92 11.62 4.75
N ILE A 2 -2.31 11.23 3.54
N ILE A 2 -2.29 11.21 3.54
CA ILE A 2 -2.46 9.82 3.15
CA ILE A 2 -2.43 9.80 3.18
C ILE A 2 -1.48 9.54 2.03
C ILE A 2 -1.51 9.50 2.02
N SER A 3 -0.58 8.57 2.25
CA SER A 3 0.28 8.06 1.22
C SER A 3 -0.04 6.59 1.02
N PHE A 4 -0.10 6.17 -0.23
CA PHE A 4 -0.20 4.74 -0.54
C PHE A 4 1.18 4.17 -0.78
N ILE A 5 1.38 2.92 -0.37
CA ILE A 5 2.55 2.16 -0.80
C ILE A 5 2.04 0.81 -1.25
N PHE A 6 2.59 0.33 -2.36
CA PHE A 6 2.13 -0.89 -3.00
C PHE A 6 3.16 -1.31 -4.03
N ALA A 7 3.13 -2.60 -4.36
CA ALA A 7 3.86 -3.16 -5.48
C ALA A 7 2.88 -3.80 -6.43
N MET A 8 2.96 -3.49 -7.71
CA MET A 8 2.04 -4.09 -8.68
C MET A 8 2.80 -4.47 -9.94
N ASP A 9 2.23 -5.44 -10.65
CA ASP A 9 2.81 -5.87 -11.91
C ASP A 9 2.27 -5.07 -13.07
N ALA A 10 2.60 -5.48 -14.29
CA ALA A 10 2.26 -4.72 -15.49
C ALA A 10 0.76 -4.66 -15.73
N ASN A 11 0.01 -5.62 -15.21
N ASN A 11 0.00 -5.53 -15.06
CA ASN A 11 -1.43 -5.65 -15.30
CA ASN A 11 -1.45 -5.56 -15.09
C ASN A 11 -2.07 -5.20 -13.98
C ASN A 11 -2.09 -4.91 -13.87
N ARG A 12 -1.34 -4.44 -13.17
N ARG A 12 -1.30 -4.26 -13.03
CA ARG A 12 -1.86 -3.86 -11.93
CA ARG A 12 -1.75 -3.75 -11.74
C ARG A 12 -2.13 -4.91 -10.86
C ARG A 12 -2.04 -4.88 -10.75
N LEU A 13 -1.59 -6.11 -11.02
CA LEU A 13 -1.85 -7.18 -10.06
C LEU A 13 -1.11 -6.91 -8.77
N ILE A 14 -1.80 -7.14 -7.66
CA ILE A 14 -1.22 -7.04 -6.33
C ILE A 14 -1.35 -8.31 -5.51
N GLY A 15 -2.24 -9.24 -5.84
CA GLY A 15 -2.47 -10.36 -4.97
C GLY A 15 -3.06 -11.56 -5.68
N LYS A 16 -2.91 -12.71 -5.03
N LYS A 16 -2.89 -12.72 -5.05
CA LYS A 16 -3.44 -13.99 -5.46
CA LYS A 16 -3.49 -13.97 -5.51
C LYS A 16 -3.69 -14.82 -4.21
C LYS A 16 -3.72 -14.86 -4.30
N ASP A 17 -4.88 -15.39 -4.07
N ASP A 17 -4.95 -15.33 -4.12
CA ASP A 17 -5.16 -16.33 -2.97
CA ASP A 17 -5.25 -16.26 -3.03
C ASP A 17 -4.84 -15.72 -1.62
C ASP A 17 -4.78 -15.67 -1.70
N ASN A 18 -5.04 -14.42 -1.47
N ASN A 18 -5.11 -14.40 -1.49
CA ASN A 18 -4.70 -13.67 -0.26
CA ASN A 18 -4.85 -13.69 -0.25
C ASN A 18 -3.20 -13.72 0.06
C ASN A 18 -3.37 -13.61 0.08
N ASP A 19 -2.35 -14.09 -0.91
N ASP A 19 -2.54 -13.43 -0.93
CA ASP A 19 -0.89 -13.97 -0.87
CA ASP A 19 -1.10 -13.50 -0.75
C ASP A 19 -0.46 -12.87 -1.84
C ASP A 19 -0.46 -12.73 -1.90
N LEU A 20 0.83 -12.49 -1.76
CA LEU A 20 1.53 -11.79 -2.81
C LEU A 20 1.80 -12.76 -3.96
N PRO A 21 1.88 -12.27 -5.21
CA PRO A 21 2.09 -13.18 -6.34
C PRO A 21 3.56 -13.51 -6.63
N TRP A 22 4.48 -12.94 -5.87
CA TRP A 22 5.90 -13.03 -6.14
C TRP A 22 6.65 -12.95 -4.83
N HIS A 23 7.98 -13.09 -4.88
N HIS A 23 7.98 -13.08 -4.96
CA HIS A 23 8.82 -12.79 -3.73
CA HIS A 23 8.98 -12.89 -3.94
C HIS A 23 9.94 -11.86 -4.20
C HIS A 23 9.89 -11.74 -4.39
N LEU A 24 9.97 -10.67 -3.61
CA LEU A 24 10.82 -9.56 -4.01
C LEU A 24 11.38 -8.93 -2.74
N PRO A 25 12.38 -9.56 -2.13
CA PRO A 25 12.82 -9.12 -0.80
C PRO A 25 13.32 -7.70 -0.75
N ASN A 26 13.96 -7.20 -1.80
CA ASN A 26 14.44 -5.82 -1.74
C ASN A 26 13.27 -4.83 -1.71
N ASP A 27 12.14 -5.20 -2.34
CA ASP A 27 10.94 -4.37 -2.24
C ASP A 27 10.35 -4.39 -0.84
N LEU A 28 10.34 -5.55 -0.17
CA LEU A 28 9.88 -5.55 1.21
C LEU A 28 10.80 -4.72 2.11
N ALA A 29 12.12 -4.75 1.84
CA ALA A 29 13.04 -3.93 2.61
C ALA A 29 12.76 -2.44 2.37
N TYR A 30 12.45 -2.08 1.14
CA TYR A 30 12.05 -0.72 0.80
C TYR A 30 10.78 -0.34 1.54
N PHE A 31 9.77 -1.22 1.53
CA PHE A 31 8.55 -0.97 2.27
C PHE A 31 8.85 -0.67 3.74
N LYS A 32 9.72 -1.46 4.35
CA LYS A 32 10.07 -1.23 5.74
C LYS A 32 10.72 0.15 5.91
N LYS A 33 11.65 0.50 5.04
CA LYS A 33 12.33 1.79 5.12
C LYS A 33 11.35 2.94 5.02
N ILE A 34 10.41 2.87 4.08
CA ILE A 34 9.48 3.96 3.85
C ILE A 34 8.48 4.08 4.98
N THR A 35 7.93 2.96 5.45
CA THR A 35 6.82 3.01 6.39
C THR A 35 7.24 3.12 7.85
N SER A 36 8.53 2.89 8.15
N SER A 36 8.42 2.60 8.22
CA SER A 36 9.07 3.14 9.49
CA SER A 36 8.72 2.47 9.64
C SER A 36 8.75 4.56 9.94
C SER A 36 8.59 3.82 10.33
N GLY A 37 8.28 4.68 11.18
N GLY A 37 8.08 3.80 11.56
CA GLY A 37 7.93 5.97 11.74
CA GLY A 37 7.86 5.00 12.30
C GLY A 37 6.51 6.39 11.54
C GLY A 37 6.54 5.68 12.03
N HIS A 38 5.70 5.58 10.85
N HIS A 38 5.73 5.15 11.13
CA HIS A 38 4.36 5.97 10.46
CA HIS A 38 4.47 5.77 10.77
C HIS A 38 3.35 4.94 10.89
C HIS A 38 3.33 4.86 11.15
N SER A 39 2.13 5.41 11.16
N SER A 39 2.12 5.42 11.16
CA SER A 39 1.00 4.50 11.22
CA SER A 39 0.93 4.59 11.15
C SER A 39 0.76 3.92 9.84
C SER A 39 0.79 3.92 9.79
N ILE A 40 0.44 2.62 9.81
CA ILE A 40 0.12 1.88 8.61
C ILE A 40 -1.35 1.44 8.75
N ILE A 41 -2.08 1.58 7.66
N ILE A 41 -2.09 1.65 7.67
CA ILE A 41 -3.52 1.36 7.65
CA ILE A 41 -3.53 1.39 7.60
C ILE A 41 -3.82 0.28 6.62
C ILE A 41 -3.76 0.25 6.63
N MET A 42 -4.50 -0.77 7.05
CA MET A 42 -4.70 -1.93 6.19
C MET A 42 -6.08 -2.51 6.40
N GLY A 43 -6.58 -3.18 5.36
CA GLY A 43 -7.75 -3.99 5.50
C GLY A 43 -7.45 -5.28 6.27
N ARG A 44 -8.53 -5.93 6.69
CA ARG A 44 -8.40 -7.10 7.54
C ARG A 44 -7.72 -8.24 6.81
N LYS A 45 -8.04 -8.44 5.52
CA LYS A 45 -7.43 -9.54 4.79
C LYS A 45 -5.93 -9.28 4.59
N THR A 46 -5.55 -8.02 4.36
CA THR A 46 -4.12 -7.70 4.27
C THR A 46 -3.44 -7.98 5.61
N PHE A 47 -4.04 -7.60 6.73
N PHE A 47 -4.05 -7.62 6.73
CA PHE A 47 -3.43 -7.95 8.02
CA PHE A 47 -3.41 -7.95 8.01
C PHE A 47 -3.19 -9.45 8.09
C PHE A 47 -3.21 -9.46 8.15
N GLU A 48 -4.21 -10.24 7.77
CA GLU A 48 -4.08 -11.70 7.88
C GLU A 48 -3.04 -12.23 6.89
N SER A 49 -2.90 -11.60 5.74
CA SER A 49 -1.90 -12.02 4.77
C SER A 49 -0.49 -11.81 5.31
N ILE A 50 -0.31 -10.74 6.10
CA ILE A 50 0.95 -10.45 6.73
C ILE A 50 1.16 -11.42 7.89
N GLY A 51 0.17 -11.55 8.76
CA GLY A 51 0.09 -12.60 9.74
C GLY A 51 0.33 -12.17 11.18
N ARG A 52 1.18 -11.18 11.36
N ARG A 52 1.09 -11.10 11.37
CA ARG A 52 1.48 -10.60 12.66
CA ARG A 52 1.63 -10.63 12.65
C ARG A 52 1.69 -9.11 12.42
C ARG A 52 1.87 -9.13 12.48
N PRO A 53 1.50 -8.29 13.46
CA PRO A 53 1.73 -6.85 13.30
C PRO A 53 3.19 -6.57 12.94
N LEU A 54 3.36 -5.55 12.11
CA LEU A 54 4.70 -5.13 11.72
C LEU A 54 5.32 -4.26 12.81
N PRO A 55 6.61 -4.48 13.11
N PRO A 55 6.58 -4.53 13.18
CA PRO A 55 7.24 -3.77 14.23
CA PRO A 55 7.14 -3.90 14.36
C PRO A 55 7.46 -2.29 13.91
C PRO A 55 7.37 -2.41 14.16
N ASN A 56 7.51 -1.47 14.97
N ASN A 56 7.32 -1.70 15.28
CA ASN A 56 7.91 -0.06 14.88
CA ASN A 56 7.73 -0.31 15.38
C ASN A 56 6.93 0.77 14.04
C ASN A 56 6.86 0.64 14.60
N ARG A 57 5.68 0.33 13.98
N ARG A 57 5.65 0.21 14.21
CA ARG A 57 4.61 1.04 13.30
CA ARG A 57 4.64 1.02 13.54
C ARG A 57 3.34 0.79 14.09
C ARG A 57 3.30 0.71 14.16
N LYS A 58 2.48 1.80 14.15
N LYS A 58 2.44 1.72 14.26
CA LYS A 58 1.12 1.59 14.64
CA LYS A 58 1.07 1.54 14.75
C LYS A 58 0.35 0.86 13.53
C LYS A 58 0.25 0.90 13.63
N ASN A 59 -0.16 -0.34 13.83
CA ASN A 59 -0.87 -1.11 12.82
C ASN A 59 -2.36 -0.86 13.02
N ILE A 60 -2.98 -0.18 12.06
CA ILE A 60 -4.41 0.14 12.10
C ILE A 60 -5.10 -0.79 11.11
N VAL A 61 -6.06 -1.57 11.61
CA VAL A 61 -6.78 -2.53 10.79
C VAL A 61 -8.23 -2.07 10.67
N VAL A 62 -8.69 -1.94 9.44
CA VAL A 62 -10.07 -1.56 9.13
C VAL A 62 -10.87 -2.87 9.04
N THR A 63 -11.85 -3.02 9.92
CA THR A 63 -12.59 -4.27 10.01
C THR A 63 -13.84 -4.07 10.83
N SER A 64 -14.83 -4.92 10.55
CA SER A 64 -16.01 -5.07 11.40
C SER A 64 -15.79 -5.94 12.62
N ALA A 65 -14.64 -6.59 12.72
CA ALA A 65 -14.34 -7.47 13.85
C ALA A 65 -14.24 -6.68 15.14
N PRO A 66 -14.44 -7.37 16.28
CA PRO A 66 -14.20 -6.72 17.56
C PRO A 66 -12.71 -6.42 17.75
N ASP A 67 -12.45 -5.43 18.58
CA ASP A 67 -11.06 -5.07 18.89
C ASP A 67 -10.28 -6.25 19.42
N SER A 68 -10.94 -7.12 20.15
CA SER A 68 -10.32 -8.27 20.78
C SER A 68 -9.72 -9.25 19.79
N GLU A 69 -10.14 -9.22 18.52
N GLU A 69 -10.13 -9.20 18.53
CA GLU A 69 -9.63 -10.19 17.57
CA GLU A 69 -9.61 -10.12 17.52
C GLU A 69 -8.29 -9.77 16.98
C GLU A 69 -8.27 -9.67 16.98
N PHE A 70 -7.90 -8.51 17.17
N PHE A 70 -7.88 -8.42 17.23
CA PHE A 70 -6.63 -7.97 16.65
CA PHE A 70 -6.63 -7.84 16.74
C PHE A 70 -5.97 -7.09 17.71
C PHE A 70 -5.94 -7.09 17.89
N GLN A 71 -5.63 -7.71 18.84
N GLN A 71 -5.51 -7.85 18.91
CA GLN A 71 -5.15 -6.97 20.00
CA GLN A 71 -4.97 -7.28 20.14
C GLN A 71 -3.80 -6.28 19.77
C GLN A 71 -3.67 -6.52 19.92
N GLY A 72 -2.98 -6.77 18.83
CA GLY A 72 -1.73 -6.11 18.52
C GLY A 72 -1.87 -4.94 17.58
N CYS A 73 -3.11 -4.57 17.27
CA CYS A 73 -3.47 -3.53 16.32
C CYS A 73 -4.46 -2.58 16.96
N THR A 74 -4.66 -1.46 16.29
CA THR A 74 -5.77 -0.55 16.54
C THR A 74 -6.84 -0.83 15.50
N VAL A 75 -8.01 -1.24 15.92
CA VAL A 75 -9.11 -1.56 15.02
C VAL A 75 -9.98 -0.33 14.82
N VAL A 76 -10.35 -0.07 13.57
CA VAL A 76 -11.37 0.90 13.27
C VAL A 76 -12.37 0.28 12.32
N SER A 77 -13.64 0.68 12.46
CA SER A 77 -14.71 0.05 11.68
C SER A 77 -15.04 0.78 10.40
N SER A 78 -14.53 1.99 10.20
N SER A 78 -14.53 1.99 10.20
CA SER A 78 -14.88 2.76 9.02
CA SER A 78 -14.89 2.81 9.05
C SER A 78 -13.68 3.55 8.53
C SER A 78 -13.66 3.53 8.53
N LEU A 79 -13.62 3.75 7.22
CA LEU A 79 -12.65 4.67 6.66
C LEU A 79 -12.83 6.10 7.11
N LYS A 80 -14.02 6.50 7.56
N LYS A 80 -14.01 6.49 7.58
CA LYS A 80 -14.15 7.82 8.18
CA LYS A 80 -14.14 7.80 8.20
C LYS A 80 -13.20 7.95 9.36
C LYS A 80 -13.20 7.94 9.38
N ASP A 81 -13.04 6.87 10.16
CA ASP A 81 -12.15 6.90 11.29
C ASP A 81 -10.71 7.07 10.84
N VAL A 82 -10.34 6.42 9.73
CA VAL A 82 -9.01 6.58 9.16
C VAL A 82 -8.76 8.04 8.79
N LEU A 83 -9.70 8.67 8.11
CA LEU A 83 -9.48 10.06 7.72
C LEU A 83 -9.36 10.95 8.96
N ASP A 84 -10.13 10.67 10.02
CA ASP A 84 -10.03 11.47 11.23
C ASP A 84 -8.67 11.30 11.87
N ILE A 85 -8.19 10.06 11.97
CA ILE A 85 -6.91 9.79 12.59
C ILE A 85 -5.77 10.43 11.80
N CYS A 86 -5.87 10.38 10.48
N CYS A 86 -5.88 10.40 10.45
CA CYS A 86 -4.76 10.77 9.62
CA CYS A 86 -4.82 10.79 9.51
C CYS A 86 -4.82 12.22 9.17
C CYS A 86 -4.91 12.24 9.06
N SER A 87 -5.91 12.92 9.42
N SER A 87 -5.86 13.00 9.57
CA SER A 87 -6.02 14.30 9.00
CA SER A 87 -6.07 14.35 9.07
C SER A 87 -4.81 15.10 9.44
C SER A 87 -4.92 15.23 9.53
N GLY A 88 -4.43 16.06 8.61
CA GLY A 88 -3.36 16.96 8.94
C GLY A 88 -2.02 16.58 8.34
N PRO A 89 -0.95 17.13 8.90
CA PRO A 89 0.37 16.99 8.29
C PRO A 89 1.06 15.66 8.55
N GLU A 90 0.69 14.93 9.58
CA GLU A 90 1.34 13.68 9.87
C GLU A 90 0.90 12.65 8.83
N GLU A 91 1.85 11.87 8.35
CA GLU A 91 1.67 11.01 7.19
C GLU A 91 1.34 9.59 7.62
N CYS A 92 0.16 9.15 7.19
N CYS A 92 0.16 9.14 7.27
CA CYS A 92 -0.28 7.77 7.28
CA CYS A 92 -0.18 7.73 7.47
C CYS A 92 0.10 7.05 5.99
C CYS A 92 -0.07 7.02 6.14
N PHE A 93 0.45 5.77 6.11
N PHE A 93 0.47 5.81 6.18
CA PHE A 93 0.65 4.91 4.95
CA PHE A 93 0.57 4.98 4.98
C PHE A 93 -0.47 3.89 4.85
C PHE A 93 -0.61 4.02 4.92
N VAL A 94 -1.21 3.94 3.75
CA VAL A 94 -2.20 2.91 3.41
C VAL A 94 -1.46 1.81 2.68
N ILE A 95 -1.56 0.60 3.23
CA ILE A 95 -0.78 -0.56 2.77
C ILE A 95 -1.69 -1.65 2.24
N GLY A 96 -2.91 -1.29 1.83
CA GLY A 96 -3.79 -2.18 1.08
C GLY A 96 -4.88 -2.79 1.93
N GLY A 97 -5.68 -3.70 1.36
N GLY A 97 -5.73 -3.64 1.35
CA GLY A 97 -5.45 -4.30 0.06
CA GLY A 97 -5.62 -4.14 -0.01
C GLY A 97 -6.20 -3.57 -1.03
C GLY A 97 -6.45 -3.37 -1.02
N ALA A 98 -6.65 -4.33 -2.03
N ALA A 98 -6.97 -4.09 -2.02
CA ALA A 98 -7.32 -3.71 -3.16
CA ALA A 98 -7.63 -3.43 -3.13
C ALA A 98 -8.53 -2.88 -2.74
C ALA A 98 -8.78 -2.55 -2.66
N GLN A 99 -9.28 -3.35 -1.73
N GLN A 99 -9.57 -3.05 -1.70
CA GLN A 99 -10.46 -2.58 -1.32
CA GLN A 99 -10.71 -2.27 -1.21
C GLN A 99 -10.06 -1.22 -0.77
C GLN A 99 -10.25 -0.93 -0.64
N LEU A 100 -9.01 -1.13 0.05
N LEU A 100 -9.21 -0.95 0.19
CA LEU A 100 -8.61 0.18 0.56
CA LEU A 100 -8.74 0.28 0.80
C LEU A 100 -7.96 1.04 -0.51
C LEU A 100 -8.15 1.22 -0.24
N TYR A 101 -7.10 0.46 -1.34
N TYR A 101 -7.32 0.69 -1.15
CA TYR A 101 -6.46 1.26 -2.36
CA TYR A 101 -6.75 1.55 -2.17
C TYR A 101 -7.51 1.90 -3.25
C TYR A 101 -7.85 2.18 -3.00
N THR A 102 -8.56 1.13 -3.56
N THR A 102 -8.88 1.39 -3.34
CA THR A 102 -9.59 1.66 -4.43
CA THR A 102 -10.00 1.92 -4.11
C THR A 102 -10.42 2.72 -3.72
C THR A 102 -10.72 3.03 -3.35
N ASP A 103 -10.88 2.43 -2.51
N ASP A 103 -11.16 2.74 -2.13
CA ASP A 103 -11.82 3.35 -1.87
CA ASP A 103 -12.01 3.68 -1.42
C ASP A 103 -11.15 4.59 -1.31
C ASP A 103 -11.25 4.92 -0.98
N LEU A 104 -9.89 4.51 -0.91
N LEU A 104 -9.96 4.79 -0.69
CA LEU A 104 -9.19 5.66 -0.39
CA LEU A 104 -9.19 5.93 -0.23
C LEU A 104 -8.46 6.44 -1.46
C LEU A 104 -8.47 6.66 -1.36
N PHE A 105 -8.51 6.00 -2.72
N PHE A 105 -8.46 6.10 -2.58
CA PHE A 105 -7.71 6.65 -3.76
CA PHE A 105 -7.70 6.71 -3.65
C PHE A 105 -7.97 8.15 -3.86
C PHE A 105 -7.97 8.19 -3.78
N PRO A 106 -9.21 8.66 -3.75
CA PRO A 106 -9.44 10.10 -3.89
C PRO A 106 -8.78 10.93 -2.83
N TYR A 107 -8.35 10.31 -1.73
N TYR A 107 -8.39 10.34 -1.70
CA TYR A 107 -7.77 10.97 -0.57
CA TYR A 107 -7.78 11.10 -0.61
C TYR A 107 -6.27 10.78 -0.47
C TYR A 107 -6.25 10.98 -0.60
N ALA A 108 -5.69 10.14 -1.46
CA ALA A 108 -4.25 9.92 -1.47
C ALA A 108 -3.53 11.15 -1.99
N ASP A 109 -2.49 11.54 -1.25
CA ASP A 109 -1.59 12.65 -1.56
C ASP A 109 -0.34 12.21 -2.32
N ARG A 110 0.08 10.97 -2.08
N ARG A 110 0.07 10.96 -2.14
CA ARG A 110 1.33 10.43 -2.60
CA ARG A 110 1.34 10.47 -2.65
C ARG A 110 1.10 8.97 -2.93
C ARG A 110 1.19 8.98 -2.87
N LEU A 111 1.78 8.49 -3.96
CA LEU A 111 1.81 7.09 -4.33
C LEU A 111 3.24 6.61 -4.38
N TYR A 112 3.56 5.61 -3.57
N TYR A 112 3.59 5.67 -3.51
CA TYR A 112 4.86 4.95 -3.58
CA TYR A 112 4.86 4.94 -3.57
C TYR A 112 4.63 3.59 -4.25
C TYR A 112 4.55 3.62 -4.28
N MET A 113 4.85 3.57 -5.57
CA MET A 113 4.55 2.42 -6.41
C MET A 113 5.82 1.68 -6.76
N THR A 114 5.87 0.38 -6.44
CA THR A 114 6.90 -0.49 -7.01
C THR A 114 6.29 -1.13 -8.23
N LYS A 115 6.80 -0.82 -9.40
CA LYS A 115 6.28 -1.35 -10.65
C LYS A 115 7.15 -2.50 -11.08
N ILE A 116 6.56 -3.68 -11.19
CA ILE A 116 7.25 -4.89 -11.60
C ILE A 116 6.87 -5.17 -13.05
N HIS A 117 7.87 -5.19 -13.92
N HIS A 117 7.89 -5.18 -13.91
CA HIS A 117 7.61 -5.33 -15.36
CA HIS A 117 7.69 -5.37 -15.36
C HIS A 117 7.54 -6.81 -15.72
C HIS A 117 7.59 -6.86 -15.64
N HIS A 118 6.42 -7.41 -15.37
CA HIS A 118 6.10 -8.81 -15.56
C HIS A 118 4.61 -8.96 -15.43
N GLU A 119 4.05 -10.08 -15.90
CA GLU A 119 2.65 -10.41 -15.70
C GLU A 119 2.54 -11.74 -14.97
N PHE A 120 2.01 -11.68 -13.77
CA PHE A 120 1.73 -12.86 -12.97
C PHE A 120 0.23 -13.18 -13.08
N GLU A 121 -0.16 -14.33 -12.58
N GLU A 121 -0.17 -14.32 -12.52
CA GLU A 121 -1.57 -14.67 -12.46
CA GLU A 121 -1.57 -14.67 -12.46
C GLU A 121 -2.06 -14.30 -11.06
C GLU A 121 -2.10 -14.37 -11.06
N GLY A 122 -3.27 -13.76 -10.97
CA GLY A 122 -3.85 -13.53 -9.68
C GLY A 122 -5.24 -12.96 -9.74
N ASP A 123 -5.71 -12.42 -8.60
CA ASP A 123 -7.12 -12.13 -8.40
C ASP A 123 -7.38 -10.81 -7.68
N ARG A 124 -6.37 -9.97 -7.46
CA ARG A 124 -6.58 -8.69 -6.82
C ARG A 124 -5.69 -7.68 -7.52
N HIS A 125 -6.24 -6.50 -7.82
CA HIS A 125 -5.56 -5.48 -8.59
C HIS A 125 -5.62 -4.12 -7.89
N PHE A 126 -4.59 -3.33 -8.15
CA PHE A 126 -4.59 -1.92 -7.79
C PHE A 126 -5.53 -1.17 -8.73
N PRO A 127 -6.28 -0.19 -8.23
CA PRO A 127 -7.25 0.48 -9.12
C PRO A 127 -6.61 1.23 -10.26
N GLU A 128 -7.33 1.24 -11.38
N GLU A 128 -7.36 1.32 -11.36
CA GLU A 128 -6.92 2.08 -12.50
CA GLU A 128 -6.99 2.29 -12.40
C GLU A 128 -6.95 3.55 -12.09
C GLU A 128 -7.09 3.70 -11.84
N PHE A 129 -5.94 4.30 -12.52
N PHE A 129 -6.29 4.61 -12.39
CA PHE A 129 -5.98 5.75 -12.35
CA PHE A 129 -6.35 6.01 -11.98
C PHE A 129 -5.26 6.39 -13.54
C PHE A 129 -5.84 6.90 -13.10
N ASP A 130 -5.65 7.64 -13.79
N ASP A 130 -6.20 8.18 -13.03
CA ASP A 130 -5.09 8.41 -14.90
CA ASP A 130 -5.89 9.16 -14.07
C ASP A 130 -3.79 9.03 -14.43
C ASP A 130 -4.50 9.72 -13.78
N GLU A 131 -2.66 8.49 -14.93
N GLU A 131 -3.50 9.24 -14.50
CA GLU A 131 -1.37 8.99 -14.52
CA GLU A 131 -2.13 9.69 -14.27
C GLU A 131 -1.14 10.45 -14.92
C GLU A 131 -1.95 11.17 -14.53
N SER A 132 -1.91 10.94 -15.89
N SER A 132 -2.86 11.81 -15.29
CA SER A 132 -1.77 12.34 -16.30
CA SER A 132 -2.73 13.23 -15.56
C SER A 132 -2.16 13.32 -15.20
C SER A 132 -2.83 14.07 -14.30
N ASN A 133 -2.78 12.84 -14.12
N ASN A 133 -3.34 13.50 -13.20
CA ASN A 133 -3.09 13.67 -12.98
CA ASN A 133 -3.42 14.22 -11.94
C ASN A 133 -1.97 13.74 -11.96
C ASN A 133 -2.14 14.15 -11.13
N TRP A 134 -0.82 13.11 -12.24
N TRP A 134 -1.10 13.49 -11.66
CA TRP A 134 0.23 12.92 -11.25
CA TRP A 134 0.11 13.17 -10.91
C TRP A 134 1.58 13.30 -11.81
C TRP A 134 1.37 13.52 -11.69
N LYS A 135 2.43 13.81 -10.92
CA LYS A 135 3.79 14.06 -11.32
C LYS A 135 4.65 12.92 -10.83
N LEU A 136 5.58 12.50 -11.67
CA LEU A 136 6.58 11.52 -11.27
C LEU A 136 7.70 12.28 -10.57
N VAL A 137 7.76 12.18 -9.26
CA VAL A 137 8.72 12.92 -8.47
C VAL A 137 10.06 12.23 -8.43
N SER A 138 10.06 10.93 -8.25
CA SER A 138 11.28 10.17 -8.18
C SER A 138 11.08 8.81 -8.82
N SER A 139 12.19 8.26 -9.29
CA SER A 139 12.19 6.96 -9.92
C SER A 139 13.57 6.36 -9.76
N GLU A 140 13.65 5.13 -9.28
CA GLU A 140 14.91 4.45 -9.13
C GLU A 140 14.73 2.99 -9.52
N GLN A 141 15.58 2.50 -10.41
CA GLN A 141 15.53 1.10 -10.79
C GLN A 141 15.91 0.25 -9.58
N GLY A 142 15.16 -0.82 -9.34
CA GLY A 142 15.52 -1.72 -8.27
C GLY A 142 16.66 -2.65 -8.67
N THR A 143 17.51 -2.97 -7.69
N THR A 143 17.52 -2.96 -7.71
CA THR A 143 18.60 -3.91 -7.91
CA THR A 143 18.67 -3.81 -8.03
C THR A 143 18.07 -5.20 -8.49
C THR A 143 18.20 -5.20 -8.43
N LYS A 144 18.63 -5.64 -9.61
CA LYS A 144 18.32 -6.95 -10.16
C LYS A 144 19.46 -7.87 -9.81
N ASP A 145 19.18 -8.86 -8.98
CA ASP A 145 20.20 -9.78 -8.50
C ASP A 145 19.55 -11.15 -8.31
N GLU A 146 20.31 -12.09 -7.77
CA GLU A 146 19.80 -13.44 -7.64
C GLU A 146 18.54 -13.47 -6.81
N LYS A 147 18.47 -12.69 -5.74
CA LYS A 147 17.28 -12.72 -4.88
C LYS A 147 16.13 -11.88 -5.40
N ASN A 148 16.40 -10.98 -6.34
CA ASN A 148 15.42 -10.03 -6.84
C ASN A 148 15.52 -10.04 -8.34
N PRO A 149 14.93 -11.05 -8.99
N PRO A 149 14.95 -11.08 -8.99
CA PRO A 149 15.32 -11.38 -10.37
CA PRO A 149 15.27 -11.39 -10.39
C PRO A 149 14.70 -10.47 -11.42
C PRO A 149 14.20 -10.91 -11.36
N TYR A 150 13.69 -9.73 -11.08
CA TYR A 150 12.80 -9.04 -11.98
C TYR A 150 13.33 -7.67 -12.38
N ASP A 151 12.72 -7.11 -13.41
N ASP A 151 12.73 -7.15 -13.45
CA ASP A 151 12.89 -5.70 -13.74
CA ASP A 151 12.85 -5.75 -13.87
C ASP A 151 11.83 -4.92 -12.98
C ASP A 151 11.76 -4.99 -13.11
N TYR A 152 12.25 -4.21 -11.95
N TYR A 152 12.18 -4.09 -12.22
CA TYR A 152 11.30 -3.48 -11.09
CA TYR A 152 11.21 -3.37 -11.39
C TYR A 152 11.91 -2.13 -10.75
C TYR A 152 11.80 -2.02 -10.97
N GLU A 153 11.04 -1.18 -10.44
N GLU A 153 10.91 -1.10 -10.59
CA GLU A 153 11.46 0.19 -10.16
CA GLU A 153 11.27 0.28 -10.30
C GLU A 153 10.57 0.77 -9.08
C GLU A 153 10.54 0.75 -9.05
N PHE A 154 11.19 1.63 -8.27
CA PHE A 154 10.57 2.33 -7.16
C PHE A 154 10.21 3.72 -7.63
N LEU A 155 8.92 4.00 -7.76
CA LEU A 155 8.40 5.25 -8.25
C LEU A 155 7.67 5.98 -7.14
N MET A 156 7.75 7.30 -7.13
N MET A 156 7.71 7.30 -7.18
CA MET A 156 6.94 8.06 -6.21
CA MET A 156 6.91 8.11 -6.28
C MET A 156 6.27 9.19 -6.98
C MET A 156 6.19 9.20 -7.07
N TYR A 157 4.96 9.21 -6.93
N TYR A 157 4.88 9.31 -6.83
CA TYR A 157 4.13 10.24 -7.55
CA TYR A 157 4.00 10.23 -7.54
C TYR A 157 3.53 11.10 -6.46
C TYR A 157 3.35 11.19 -6.56
N GLU A 158 3.35 12.38 -6.78
N GLU A 158 3.26 12.46 -6.95
CA GLU A 158 2.60 13.29 -5.94
CA GLU A 158 2.52 13.49 -6.24
C GLU A 158 1.46 13.86 -6.76
C GLU A 158 1.51 14.12 -7.20
N LYS A 159 0.32 14.02 -6.10
N LYS A 159 0.50 14.80 -6.65
CA LYS A 159 -0.87 14.49 -6.79
CA LYS A 159 -0.50 15.40 -7.51
C LYS A 159 -0.72 15.96 -7.17
C LYS A 159 0.08 16.61 -8.26
N LYS A 160 -1.12 16.29 -8.39
N LYS A 160 -0.34 16.78 -9.52
CA LYS A 160 -1.16 17.69 -8.83
CA LYS A 160 0.06 17.93 -10.32
C LYS A 160 -2.21 18.50 -8.04
C LYS A 160 -0.50 19.22 -9.73
#